data_5DMS
#
_entry.id   5DMS
#
_cell.length_a   56.820
_cell.length_b   70.450
_cell.length_c   59.150
_cell.angle_alpha   90.00
_cell.angle_beta   90.13
_cell.angle_gamma   90.00
#
_symmetry.space_group_name_H-M   'P 1 21 1'
#
loop_
_entity.id
_entity.type
_entity.pdbx_description
1 polymer 'Serine/threonine-protein kinase PLK1'
2 polymer 'F-box only protein 43'
3 water water
#
loop_
_entity_poly.entity_id
_entity_poly.type
_entity_poly.pdbx_seq_one_letter_code
_entity_poly.pdbx_strand_id
1 'polypeptide(L)'
;NEAIECHLSDLLQQLTSVNASKPSERGLVRQEEAEDPACIPIFWVSKWVDYSDKYGLGYQLCDNSVGVLFNDSTRLILYN
DGDSLQYIERDGTESYLTVSSHPNSLMKKITLLNYFRNYMSEHLLKAGANITPREGDELARLPYLRTWFRTRSAIILHLS
NGTVQINFFQDHTKLILCPLMAAVTYINEKRDFQTYRLSLLEEYGCCKELASRLRYARTMVDKLLSSRSASNRLKAS
;
A,C
2 'polypeptide(L)' FSQHKTS(TPO)I B,D
#
# COMPACT_ATOMS: atom_id res chain seq x y z
N GLU A 2 -29.99 8.07 6.15
CA GLU A 2 -29.40 8.02 4.81
C GLU A 2 -28.40 6.86 4.77
N ALA A 3 -27.53 6.85 3.76
CA ALA A 3 -26.40 5.94 3.69
C ALA A 3 -25.36 6.29 4.75
N ILE A 4 -25.39 7.54 5.20
CA ILE A 4 -24.50 8.01 6.26
C ILE A 4 -24.79 7.27 7.57
N GLU A 5 -26.06 7.30 7.98
CA GLU A 5 -26.52 6.57 9.15
C GLU A 5 -26.14 5.10 8.99
N CYS A 6 -26.30 4.61 7.77
CA CYS A 6 -25.98 3.24 7.41
C CYS A 6 -24.50 2.92 7.64
N HIS A 7 -23.62 3.85 7.25
CA HIS A 7 -22.18 3.64 7.39
C HIS A 7 -21.73 3.71 8.84
N LEU A 8 -22.49 4.43 9.67
CA LEU A 8 -22.16 4.47 11.10
C LEU A 8 -22.49 3.13 11.76
N SER A 9 -23.58 2.50 11.31
CA SER A 9 -23.98 1.20 11.86
C SER A 9 -22.96 0.12 11.47
N ASP A 10 -22.46 0.21 10.25
CA ASP A 10 -21.47 -0.73 9.73
C ASP A 10 -20.13 -0.61 10.47
N LEU A 11 -19.65 0.62 10.64
CA LEU A 11 -18.45 0.85 11.45
C LEU A 11 -18.58 0.29 12.86
N LEU A 12 -19.71 0.58 13.49
CA LEU A 12 -19.95 0.12 14.85
C LEU A 12 -19.89 -1.41 14.95
N GLN A 13 -20.55 -2.08 13.99
CA GLN A 13 -20.57 -3.54 13.96
C GLN A 13 -19.16 -4.09 13.77
N GLN A 14 -18.41 -3.48 12.84
CA GLN A 14 -17.05 -3.88 12.55
C GLN A 14 -16.15 -3.74 13.77
N LEU A 15 -16.25 -2.60 14.47
CA LEU A 15 -15.46 -2.39 15.69
C LEU A 15 -15.88 -3.34 16.81
N THR A 16 -17.18 -3.55 16.96
CA THR A 16 -17.69 -4.45 17.99
C THR A 16 -17.14 -5.87 17.77
N SER A 17 -17.13 -6.31 16.52
CA SER A 17 -16.61 -7.63 16.17
CA SER A 17 -16.61 -7.63 16.17
C SER A 17 -15.13 -7.76 16.50
N VAL A 18 -14.36 -6.76 16.10
CA VAL A 18 -12.91 -6.78 16.35
C VAL A 18 -12.61 -6.80 17.84
N ASN A 19 -13.25 -5.90 18.58
CA ASN A 19 -13.02 -5.80 20.02
C ASN A 19 -13.50 -7.03 20.78
N ALA A 20 -14.60 -7.63 20.32
CA ALA A 20 -15.14 -8.83 20.96
C ALA A 20 -14.15 -9.99 20.88
N SER A 21 -13.30 -9.95 19.86
CA SER A 21 -12.33 -11.01 19.63
C SER A 21 -11.12 -10.87 20.54
N LYS A 22 -11.08 -9.78 21.31
CA LYS A 22 -9.96 -9.48 22.20
C LYS A 22 -8.62 -9.67 21.51
N PRO A 23 -8.34 -8.82 20.51
CA PRO A 23 -7.19 -8.95 19.60
C PRO A 23 -5.83 -8.92 20.28
N SER A 24 -5.72 -8.28 21.44
CA SER A 24 -4.41 -8.15 22.05
C SER A 24 -4.10 -9.34 22.94
N GLU A 25 -5.06 -10.26 23.03
CA GLU A 25 -4.96 -11.41 23.95
C GLU A 25 -4.74 -12.73 23.20
N ARG A 26 -3.65 -12.83 22.45
CA ARG A 26 -3.46 -14.02 21.63
C ARG A 26 -2.18 -14.75 22.01
N GLY A 27 -2.13 -16.05 21.70
CA GLY A 27 -0.93 -16.85 21.89
C GLY A 27 0.24 -16.18 21.21
N LEU A 28 0.06 -15.81 19.93
CA LEU A 28 1.05 -14.99 19.25
C LEU A 28 0.36 -13.97 18.36
N VAL A 29 0.33 -12.72 18.83
CA VAL A 29 -0.16 -11.59 18.04
C VAL A 29 0.68 -11.44 16.77
N ARG A 30 0.01 -11.41 15.62
CA ARG A 30 0.67 -11.23 14.32
C ARG A 30 0.06 -10.03 13.58
N GLN A 31 0.25 -8.83 14.15
CA GLN A 31 -0.35 -7.61 13.63
C GLN A 31 0.05 -7.32 12.19
N GLU A 32 1.30 -7.62 11.85
CA GLU A 32 1.82 -7.40 10.51
C GLU A 32 0.98 -8.10 9.44
N GLU A 33 0.33 -9.19 9.80
CA GLU A 33 -0.48 -9.95 8.84
C GLU A 33 -1.78 -9.24 8.47
N ALA A 34 -2.13 -8.20 9.21
CA ALA A 34 -3.36 -7.44 8.95
C ALA A 34 -3.08 -6.18 8.11
N GLU A 35 -1.82 -5.95 7.79
CA GLU A 35 -1.44 -4.76 7.04
C GLU A 35 -1.98 -4.81 5.63
N ASP A 36 -2.69 -3.76 5.22
CA ASP A 36 -3.18 -3.64 3.86
C ASP A 36 -2.97 -2.20 3.38
N PRO A 37 -1.77 -1.90 2.88
CA PRO A 37 -1.42 -0.58 2.34
C PRO A 37 -2.34 -0.09 1.22
N ALA A 38 -3.01 -1.00 0.51
CA ALA A 38 -3.94 -0.61 -0.55
C ALA A 38 -5.18 0.10 -0.01
N CYS A 39 -5.40 0.01 1.30
CA CYS A 39 -6.66 0.44 1.90
C CYS A 39 -6.55 1.82 2.53
N ILE A 40 -5.39 2.43 2.35
CA ILE A 40 -5.15 3.79 2.76
C ILE A 40 -6.29 4.70 2.30
N PRO A 41 -6.75 5.61 3.18
CA PRO A 41 -7.90 6.46 2.83
C PRO A 41 -7.59 7.42 1.71
N ILE A 42 -8.65 7.86 1.03
CA ILE A 42 -8.54 8.91 0.03
C ILE A 42 -8.47 10.25 0.72
N PHE A 43 -9.27 10.40 1.78
CA PHE A 43 -9.38 11.66 2.53
C PHE A 43 -9.26 11.48 4.04
N TRP A 44 -8.52 12.40 4.66
CA TRP A 44 -8.61 12.57 6.10
C TRP A 44 -8.40 14.04 6.41
N VAL A 45 -8.63 14.41 7.67
CA VAL A 45 -8.45 15.77 8.13
C VAL A 45 -6.99 16.01 8.52
N SER A 46 -6.37 16.99 7.90
CA SER A 46 -4.96 17.28 8.16
C SER A 46 -4.75 18.39 9.18
N LYS A 47 -5.73 19.28 9.32
CA LYS A 47 -5.67 20.42 10.25
C LYS A 47 -7.08 20.81 10.64
N TRP A 48 -7.25 21.39 11.82
CA TRP A 48 -8.54 21.96 12.21
C TRP A 48 -8.36 23.13 13.19
N VAL A 49 -9.36 24.00 13.22
CA VAL A 49 -9.41 25.14 14.12
C VAL A 49 -10.79 25.23 14.75
N ASP A 50 -10.84 25.16 16.08
CA ASP A 50 -12.09 25.22 16.81
C ASP A 50 -12.47 26.65 17.18
N TYR A 51 -13.37 27.24 16.41
CA TYR A 51 -13.86 28.59 16.69
C TYR A 51 -15.35 28.53 17.00
N SER A 52 -15.77 27.42 17.60
CA SER A 52 -17.18 27.10 17.79
C SER A 52 -17.86 28.00 18.81
N ASP A 53 -17.06 28.74 19.57
CA ASP A 53 -17.63 29.70 20.49
C ASP A 53 -18.38 30.77 19.72
N LYS A 54 -17.96 31.03 18.49
CA LYS A 54 -18.58 32.09 17.68
C LYS A 54 -19.14 31.67 16.31
N TYR A 55 -18.43 30.78 15.59
CA TYR A 55 -18.78 30.50 14.19
C TYR A 55 -18.87 29.02 13.85
N GLY A 56 -17.86 28.26 14.24
CA GLY A 56 -17.86 26.84 13.98
C GLY A 56 -16.47 26.28 13.93
N LEU A 57 -16.31 25.20 13.18
CA LEU A 57 -15.02 24.51 13.08
C LEU A 57 -14.51 24.49 11.66
N GLY A 58 -13.33 25.08 11.46
CA GLY A 58 -12.67 25.05 10.16
C GLY A 58 -11.70 23.89 10.09
N TYR A 59 -11.51 23.37 8.89
CA TYR A 59 -10.59 22.25 8.73
C TYR A 59 -10.05 22.21 7.32
N GLN A 60 -9.04 21.37 7.13
CA GLN A 60 -8.41 21.17 5.84
C GLN A 60 -8.32 19.66 5.64
N LEU A 61 -8.60 19.21 4.43
CA LEU A 61 -8.40 17.81 4.12
C LEU A 61 -6.99 17.60 3.60
N CYS A 62 -6.55 16.36 3.54
CA CYS A 62 -5.17 16.05 3.18
C CYS A 62 -4.79 16.49 1.75
N ASP A 63 -5.82 16.74 0.93
CA ASP A 63 -5.63 17.18 -0.47
C ASP A 63 -5.57 18.70 -0.57
N ASN A 64 -5.50 19.34 0.60
CA ASN A 64 -5.38 20.80 0.76
C ASN A 64 -6.66 21.56 0.47
N SER A 65 -7.77 20.85 0.30
CA SER A 65 -9.07 21.52 0.28
C SER A 65 -9.44 21.94 1.70
N VAL A 66 -10.42 22.84 1.81
CA VAL A 66 -10.74 23.41 3.11
C VAL A 66 -12.25 23.41 3.29
N GLY A 67 -12.70 23.22 4.53
CA GLY A 67 -14.11 23.27 4.84
C GLY A 67 -14.40 23.96 6.16
N VAL A 68 -15.66 24.37 6.32
CA VAL A 68 -16.15 24.83 7.62
C VAL A 68 -17.44 24.09 7.93
N LEU A 69 -17.55 23.61 9.16
CA LEU A 69 -18.85 23.22 9.70
C LEU A 69 -19.26 24.32 10.67
N PHE A 70 -20.21 25.15 10.23
CA PHE A 70 -20.71 26.26 11.04
C PHE A 70 -21.66 25.77 12.13
N ASN A 71 -21.84 26.62 13.16
CA ASN A 71 -22.68 26.27 14.30
C ASN A 71 -24.16 26.04 13.96
N ASP A 72 -24.58 26.44 12.76
CA ASP A 72 -25.96 26.20 12.34
C ASP A 72 -26.07 24.92 11.50
N SER A 73 -25.08 24.04 11.65
CA SER A 73 -25.04 22.75 10.99
C SER A 73 -24.97 22.85 9.46
N THR A 74 -24.50 23.97 8.94
CA THR A 74 -24.27 24.06 7.51
C THR A 74 -22.78 23.95 7.23
N ARG A 75 -22.46 23.65 5.98
CA ARG A 75 -21.08 23.41 5.59
C ARG A 75 -20.72 24.15 4.31
N LEU A 76 -19.57 24.79 4.32
CA LEU A 76 -18.99 25.39 3.12
C LEU A 76 -17.63 24.76 2.84
N ILE A 77 -17.41 24.28 1.62
CA ILE A 77 -16.18 23.56 1.25
C ILE A 77 -15.52 24.19 0.02
N LEU A 78 -14.25 24.55 0.14
CA LEU A 78 -13.47 25.11 -0.96
C LEU A 78 -12.50 24.04 -1.52
N TYR A 79 -12.56 23.81 -2.83
CA TYR A 79 -11.70 22.80 -3.48
C TYR A 79 -10.26 23.28 -3.54
N ASN A 80 -9.32 22.38 -3.82
CA ASN A 80 -7.91 22.79 -3.80
C ASN A 80 -7.52 23.62 -5.02
N ASP A 81 -8.47 23.84 -5.94
CA ASP A 81 -8.26 24.77 -7.06
C ASP A 81 -8.56 26.23 -6.68
N GLY A 82 -9.05 26.43 -5.46
CA GLY A 82 -9.27 27.78 -4.95
C GLY A 82 -10.47 28.50 -5.52
N ASP A 83 -11.29 27.83 -6.34
CA ASP A 83 -12.47 28.48 -6.89
C ASP A 83 -13.76 27.68 -6.71
N SER A 84 -13.69 26.37 -6.88
CA SER A 84 -14.88 25.54 -6.74
C SER A 84 -15.37 25.52 -5.30
N LEU A 85 -16.66 25.75 -5.13
CA LEU A 85 -17.31 25.82 -3.81
C LEU A 85 -18.45 24.81 -3.74
N GLN A 86 -18.73 24.33 -2.53
CA GLN A 86 -19.88 23.49 -2.30
C GLN A 86 -20.48 23.93 -0.98
N TYR A 87 -21.77 24.25 -0.99
CA TYR A 87 -22.51 24.59 0.23
C TYR A 87 -23.45 23.45 0.58
N ILE A 88 -23.44 23.04 1.83
CA ILE A 88 -24.32 21.97 2.27
C ILE A 88 -25.18 22.45 3.42
N GLU A 89 -26.49 22.40 3.23
CA GLU A 89 -27.44 22.88 4.22
C GLU A 89 -27.56 21.87 5.35
N ARG A 90 -28.25 22.23 6.44
CA ARG A 90 -28.37 21.34 7.60
C ARG A 90 -28.85 19.94 7.24
N ASP A 91 -29.86 19.86 6.36
CA ASP A 91 -30.44 18.57 5.98
C ASP A 91 -29.65 17.82 4.89
N GLY A 92 -28.51 18.38 4.49
CA GLY A 92 -27.66 17.70 3.53
C GLY A 92 -27.77 18.16 2.08
N THR A 93 -28.71 19.05 1.78
CA THR A 93 -28.87 19.57 0.42
C THR A 93 -27.59 20.27 -0.03
N GLU A 94 -27.11 19.90 -1.22
CA GLU A 94 -25.85 20.44 -1.70
C GLU A 94 -26.07 21.39 -2.86
N SER A 95 -25.24 22.43 -2.92
CA SER A 95 -25.24 23.36 -4.04
C SER A 95 -23.82 23.59 -4.50
N TYR A 96 -23.60 23.55 -5.82
CA TYR A 96 -22.27 23.71 -6.37
C TYR A 96 -22.07 25.12 -6.91
N LEU A 97 -21.05 25.79 -6.38
CA LEU A 97 -20.86 27.21 -6.60
C LEU A 97 -19.41 27.50 -6.94
N THR A 98 -19.10 28.79 -7.15
CA THR A 98 -17.73 29.21 -7.33
C THR A 98 -17.52 30.45 -6.49
N VAL A 99 -16.28 30.72 -6.09
CA VAL A 99 -16.04 31.96 -5.37
C VAL A 99 -16.18 33.14 -6.34
N SER A 100 -16.10 32.85 -7.63
CA SER A 100 -16.29 33.86 -8.66
C SER A 100 -17.75 34.28 -8.78
N SER A 101 -18.63 33.30 -8.76
CA SER A 101 -20.06 33.53 -8.97
C SER A 101 -20.88 33.19 -7.71
N HIS A 102 -20.31 33.40 -6.53
CA HIS A 102 -20.97 32.93 -5.31
C HIS A 102 -22.13 33.83 -4.95
N PRO A 103 -23.25 33.24 -4.50
CA PRO A 103 -24.43 34.00 -4.10
C PRO A 103 -24.08 35.00 -3.01
N ASN A 104 -24.67 36.19 -3.06
CA ASN A 104 -24.39 37.22 -2.08
C ASN A 104 -24.74 36.79 -0.67
N SER A 105 -25.74 35.90 -0.57
CA SER A 105 -26.21 35.40 0.72
C SER A 105 -25.09 34.67 1.47
N LEU A 106 -24.07 34.23 0.75
CA LEU A 106 -22.98 33.49 1.40
C LEU A 106 -21.74 34.34 1.68
N MET A 107 -21.87 35.65 1.55
CA MET A 107 -20.83 36.61 1.92
C MET A 107 -20.11 36.31 3.24
N LYS A 108 -20.84 36.35 4.35
CA LYS A 108 -20.26 36.20 5.67
C LYS A 108 -19.57 34.84 5.85
N LYS A 109 -20.20 33.79 5.33
CA LYS A 109 -19.66 32.44 5.51
C LYS A 109 -18.41 32.23 4.67
N ILE A 110 -18.38 32.83 3.48
CA ILE A 110 -17.20 32.75 2.63
C ILE A 110 -16.05 33.52 3.26
N THR A 111 -16.35 34.66 3.85
CA THR A 111 -15.33 35.45 4.55
C THR A 111 -14.77 34.66 5.74
N LEU A 112 -15.61 33.87 6.39
CA LEU A 112 -15.18 33.07 7.54
C LEU A 112 -14.34 31.89 7.05
N LEU A 113 -14.73 31.31 5.93
CA LEU A 113 -13.97 30.22 5.34
C LEU A 113 -12.56 30.70 5.00
N ASN A 114 -12.47 31.92 4.50
CA ASN A 114 -11.18 32.52 4.14
C ASN A 114 -10.35 32.86 5.37
N TYR A 115 -11.01 33.25 6.45
CA TYR A 115 -10.30 33.45 7.70
C TYR A 115 -9.62 32.15 8.12
N PHE A 116 -10.39 31.06 8.16
CA PHE A 116 -9.86 29.76 8.53
C PHE A 116 -8.75 29.33 7.57
N ARG A 117 -9.00 29.54 6.28
CA ARG A 117 -8.06 29.16 5.24
C ARG A 117 -6.71 29.87 5.41
N ASN A 118 -6.77 31.16 5.68
CA ASN A 118 -5.54 31.92 5.87
C ASN A 118 -4.81 31.53 7.15
N TYR A 119 -5.58 31.15 8.17
CA TYR A 119 -5.00 30.76 9.45
C TYR A 119 -4.24 29.43 9.34
N MET A 120 -4.88 28.42 8.76
CA MET A 120 -4.35 27.05 8.76
C MET A 120 -3.11 26.89 7.90
N SER A 121 -3.05 27.62 6.80
CA SER A 121 -1.93 27.58 5.88
C SER A 121 -0.75 28.37 6.42
N GLU A 122 -0.85 28.76 7.67
CA GLU A 122 0.11 29.65 8.29
C GLU A 122 0.51 29.17 9.68
N HIS A 123 -0.25 28.23 10.25
CA HIS A 123 -0.12 27.95 11.69
C HIS A 123 0.19 26.50 12.09
N LEU A 124 -0.43 25.55 11.41
CA LEU A 124 -0.53 24.19 11.94
C LEU A 124 0.26 23.17 11.15
N LEU A 125 0.57 22.04 11.80
CA LEU A 125 1.17 20.91 11.10
C LEU A 125 0.11 20.18 10.29
N LYS A 126 0.54 19.55 9.21
CA LYS A 126 -0.34 18.72 8.40
C LYS A 126 -0.29 17.26 8.88
N ALA A 127 -1.40 16.78 9.44
CA ALA A 127 -1.50 15.37 9.84
C ALA A 127 -1.38 14.43 8.64
N GLY A 128 -0.55 13.39 8.78
CA GLY A 128 -0.37 12.44 7.69
C GLY A 128 0.33 13.06 6.49
N ALA A 129 1.21 14.02 6.75
CA ALA A 129 1.93 14.69 5.66
C ALA A 129 2.82 13.70 4.90
N ASN A 130 3.27 12.66 5.60
CA ASN A 130 4.17 11.65 5.03
C ASN A 130 3.41 10.48 4.41
N ILE A 131 2.11 10.68 4.23
CA ILE A 131 1.20 9.67 3.74
C ILE A 131 0.67 10.08 2.36
N THR A 132 0.77 9.19 1.38
CA THR A 132 0.20 9.44 0.06
C THR A 132 -1.20 8.87 -0.01
N PRO A 133 -2.20 9.72 -0.18
CA PRO A 133 -3.57 9.21 -0.16
C PRO A 133 -3.85 8.16 -1.22
N ARG A 134 -4.89 7.38 -1.00
CA ARG A 134 -5.44 6.62 -2.09
C ARG A 134 -6.10 7.59 -3.05
N GLU A 135 -6.84 7.01 -3.98
CA GLU A 135 -7.08 7.60 -5.32
C GLU A 135 -8.41 8.31 -5.56
N GLY A 136 -9.42 7.52 -5.86
CA GLY A 136 -10.69 8.08 -6.19
C GLY A 136 -10.64 8.65 -7.60
N ASP A 137 -11.80 8.84 -8.21
CA ASP A 137 -11.84 9.19 -9.63
C ASP A 137 -11.60 10.67 -9.87
N GLU A 138 -11.14 10.94 -11.09
CA GLU A 138 -10.78 12.24 -11.64
C GLU A 138 -11.52 13.46 -11.06
N LEU A 139 -12.79 13.58 -11.42
CA LEU A 139 -13.55 14.79 -11.11
C LEU A 139 -14.55 14.58 -9.99
N ALA A 140 -14.18 13.75 -9.01
CA ALA A 140 -15.07 13.43 -7.90
C ALA A 140 -15.34 14.63 -6.99
N ARG A 141 -16.47 14.58 -6.29
CA ARG A 141 -16.82 15.62 -5.33
C ARG A 141 -16.19 15.31 -3.96
N LEU A 142 -15.85 16.35 -3.21
CA LEU A 142 -15.29 16.19 -1.87
C LEU A 142 -16.36 15.79 -0.87
N PRO A 143 -15.98 15.03 0.16
CA PRO A 143 -16.90 14.84 1.29
C PRO A 143 -16.91 16.09 2.17
N TYR A 144 -17.84 16.17 3.11
CA TYR A 144 -17.88 17.30 4.03
C TYR A 144 -17.92 16.77 5.46
N LEU A 145 -17.58 17.62 6.43
CA LEU A 145 -17.64 17.21 7.82
C LEU A 145 -19.09 17.14 8.25
N ARG A 146 -19.57 15.94 8.54
CA ARG A 146 -20.96 15.84 8.96
C ARG A 146 -21.14 16.32 10.39
N THR A 147 -20.25 15.85 11.26
CA THR A 147 -20.29 16.27 12.66
C THR A 147 -18.94 16.04 13.32
N TRP A 148 -18.76 16.69 14.46
CA TRP A 148 -17.56 16.54 15.23
C TRP A 148 -17.90 16.77 16.69
N PHE A 149 -17.06 16.24 17.56
CA PHE A 149 -17.09 16.66 18.97
C PHE A 149 -15.73 16.40 19.58
N ARG A 150 -15.49 17.05 20.72
CA ARG A 150 -14.26 16.90 21.47
C ARG A 150 -14.53 16.25 22.83
N THR A 151 -13.70 15.30 23.23
CA THR A 151 -13.70 14.81 24.62
C THR A 151 -12.38 15.20 25.27
N ARG A 152 -12.19 14.81 26.52
CA ARG A 152 -10.93 15.09 27.18
C ARG A 152 -9.78 14.35 26.44
N SER A 153 -10.07 13.17 25.90
CA SER A 153 -9.04 12.34 25.29
C SER A 153 -8.79 12.64 23.80
N ALA A 154 -9.80 13.13 23.09
CA ALA A 154 -9.68 13.23 21.63
C ALA A 154 -10.68 14.17 20.97
N ILE A 155 -10.40 14.51 19.72
CA ILE A 155 -11.39 15.14 18.87
C ILE A 155 -11.84 14.09 17.86
N ILE A 156 -13.15 14.01 17.67
CA ILE A 156 -13.76 13.02 16.81
C ILE A 156 -14.35 13.75 15.61
N LEU A 157 -14.02 13.26 14.42
CA LEU A 157 -14.43 13.89 13.17
C LEU A 157 -15.14 12.89 12.25
N HIS A 158 -16.37 13.22 11.88
CA HIS A 158 -17.18 12.36 11.02
C HIS A 158 -17.38 12.94 9.62
N LEU A 159 -16.77 12.31 8.63
CA LEU A 159 -16.90 12.79 7.25
C LEU A 159 -18.12 12.17 6.57
N SER A 160 -18.69 12.89 5.61
CA SER A 160 -19.91 12.43 4.94
C SER A 160 -19.71 11.18 4.06
N ASN A 161 -18.47 10.77 3.85
CA ASN A 161 -18.18 9.57 3.07
C ASN A 161 -18.02 8.30 3.93
N GLY A 162 -18.37 8.43 5.22
CA GLY A 162 -18.32 7.30 6.14
C GLY A 162 -17.14 7.31 7.08
N THR A 163 -16.11 8.07 6.76
CA THR A 163 -14.88 8.05 7.52
C THR A 163 -15.04 8.73 8.88
N VAL A 164 -14.53 8.06 9.92
CA VAL A 164 -14.46 8.63 11.26
C VAL A 164 -12.99 8.71 11.68
N GLN A 165 -12.57 9.93 12.00
CA GLN A 165 -11.22 10.18 12.46
C GLN A 165 -11.20 10.60 13.93
N ILE A 166 -10.28 10.00 14.68
CA ILE A 166 -10.10 10.28 16.08
C ILE A 166 -8.64 10.71 16.31
N ASN A 167 -8.44 11.97 16.66
CA ASN A 167 -7.10 12.45 17.00
C ASN A 167 -6.96 12.56 18.51
N PHE A 168 -6.06 11.77 19.11
CA PHE A 168 -5.87 11.78 20.56
C PHE A 168 -4.96 12.94 21.01
N PHE A 169 -5.41 13.66 22.02
CA PHE A 169 -4.74 14.90 22.44
C PHE A 169 -3.39 14.68 23.14
N GLN A 170 -3.30 13.67 24.00
CA GLN A 170 -2.14 13.56 24.87
C GLN A 170 -0.86 13.15 24.12
N ASP A 171 -0.97 12.25 23.14
CA ASP A 171 0.22 11.72 22.47
C ASP A 171 0.19 11.86 20.94
N HIS A 172 -0.81 12.59 20.44
CA HIS A 172 -0.92 12.90 19.00
C HIS A 172 -1.06 11.68 18.11
N THR A 173 -1.44 10.55 18.71
CA THR A 173 -1.77 9.37 17.92
C THR A 173 -3.13 9.57 17.27
N LYS A 174 -3.33 8.96 16.11
CA LYS A 174 -4.55 9.17 15.34
C LYS A 174 -5.10 7.87 14.77
N LEU A 175 -6.43 7.80 14.65
CA LEU A 175 -7.10 6.71 13.96
C LEU A 175 -7.96 7.26 12.84
N ILE A 176 -7.87 6.66 11.67
CA ILE A 176 -8.76 6.95 10.56
C ILE A 176 -9.49 5.64 10.22
N LEU A 177 -10.79 5.64 10.42
CA LEU A 177 -11.63 4.46 10.27
C LEU A 177 -12.52 4.58 9.06
N CYS A 178 -12.56 3.56 8.21
CA CYS A 178 -13.42 3.62 7.04
C CYS A 178 -14.21 2.32 6.90
N PRO A 179 -15.54 2.42 6.96
CA PRO A 179 -16.41 1.24 6.96
C PRO A 179 -16.49 0.61 5.58
N LEU A 180 -16.30 1.44 4.56
CA LEU A 180 -16.31 1.00 3.17
C LEU A 180 -15.17 0.03 2.94
N MET A 181 -13.97 0.42 3.35
CA MET A 181 -12.80 -0.45 3.28
C MET A 181 -12.75 -1.44 4.43
N ALA A 182 -13.59 -1.21 5.43
CA ALA A 182 -13.55 -1.93 6.70
C ALA A 182 -12.10 -2.01 7.18
N ALA A 183 -11.49 -0.84 7.30
CA ALA A 183 -10.08 -0.72 7.63
C ALA A 183 -9.83 0.38 8.64
N VAL A 184 -8.66 0.33 9.26
CA VAL A 184 -8.26 1.39 10.17
C VAL A 184 -6.83 1.78 9.88
N THR A 185 -6.58 3.07 9.85
CA THR A 185 -5.22 3.58 9.70
C THR A 185 -4.77 4.14 11.03
N TYR A 186 -3.65 3.66 11.53
CA TYR A 186 -3.12 4.11 12.82
C TYR A 186 -1.87 4.96 12.61
N ILE A 187 -1.89 6.16 13.15
CA ILE A 187 -0.73 7.05 13.13
C ILE A 187 -0.12 7.08 14.53
N ASN A 188 1.07 6.50 14.64
CA ASN A 188 1.76 6.34 15.92
C ASN A 188 2.26 7.68 16.46
N GLU A 189 2.74 7.70 17.70
CA GLU A 189 3.30 8.93 18.26
C GLU A 189 4.55 9.37 17.50
N LYS A 190 5.16 8.46 16.76
CA LYS A 190 6.32 8.77 15.95
C LYS A 190 5.93 9.23 14.53
N ARG A 191 4.63 9.39 14.31
CA ARG A 191 4.03 9.77 13.02
C ARG A 191 4.27 8.72 11.94
N ASP A 192 4.76 7.56 12.35
CA ASP A 192 4.75 6.37 11.52
C ASP A 192 3.30 5.94 11.34
N PHE A 193 2.98 5.22 10.28
CA PHE A 193 1.59 4.91 10.01
C PHE A 193 1.41 3.56 9.35
N GLN A 194 0.22 2.99 9.53
CA GLN A 194 -0.10 1.72 8.91
C GLN A 194 -1.59 1.52 8.80
N THR A 195 -2.01 0.84 7.74
CA THR A 195 -3.42 0.62 7.51
C THR A 195 -3.71 -0.87 7.66
N TYR A 196 -4.76 -1.16 8.42
CA TYR A 196 -5.10 -2.54 8.76
C TYR A 196 -6.51 -2.86 8.34
N ARG A 197 -6.71 -4.08 7.84
CA ARG A 197 -8.03 -4.61 7.58
C ARG A 197 -8.60 -5.05 8.94
N LEU A 198 -9.78 -4.58 9.29
CA LEU A 198 -10.33 -4.88 10.63
C LEU A 198 -10.56 -6.39 10.79
N SER A 199 -10.96 -7.05 9.72
CA SER A 199 -11.24 -8.48 9.76
C SER A 199 -9.97 -9.27 9.99
N LEU A 200 -8.83 -8.74 9.57
CA LEU A 200 -7.57 -9.43 9.75
C LEU A 200 -6.97 -9.12 11.11
N LEU A 201 -7.33 -7.97 11.67
CA LEU A 201 -6.93 -7.66 13.03
C LEU A 201 -7.64 -8.63 13.95
N GLU A 202 -8.89 -8.95 13.60
CA GLU A 202 -9.65 -9.91 14.37
C GLU A 202 -9.02 -11.28 14.24
N GLU A 203 -8.55 -11.59 13.04
CA GLU A 203 -7.89 -12.88 12.77
C GLU A 203 -6.53 -13.01 13.46
N TYR A 204 -5.67 -12.02 13.27
CA TYR A 204 -4.27 -12.14 13.69
C TYR A 204 -3.89 -11.38 14.97
N GLY A 205 -4.77 -10.49 15.44
CA GLY A 205 -4.52 -9.73 16.66
C GLY A 205 -3.76 -8.44 16.45
N CYS A 206 -3.61 -7.65 17.51
CA CYS A 206 -2.77 -6.45 17.43
C CYS A 206 -2.25 -6.06 18.80
N CYS A 207 -1.32 -5.11 18.82
CA CYS A 207 -0.68 -4.63 20.04
C CYS A 207 -1.68 -3.94 20.97
N LYS A 208 -1.27 -3.80 22.24
CA LYS A 208 -2.14 -3.23 23.25
C LYS A 208 -2.55 -1.79 22.92
N GLU A 209 -1.65 -1.03 22.30
CA GLU A 209 -1.92 0.38 22.09
C GLU A 209 -2.95 0.62 20.97
N LEU A 210 -2.89 -0.18 19.92
CA LEU A 210 -3.95 -0.13 18.92
C LEU A 210 -5.27 -0.70 19.46
N ALA A 211 -5.18 -1.85 20.14
CA ALA A 211 -6.37 -2.46 20.72
C ALA A 211 -7.12 -1.47 21.62
N SER A 212 -6.36 -0.76 22.45
CA SER A 212 -6.92 0.20 23.40
C SER A 212 -7.65 1.33 22.67
N ARG A 213 -6.98 1.87 21.66
CA ARG A 213 -7.52 2.94 20.83
C ARG A 213 -8.76 2.45 20.07
N LEU A 214 -8.79 1.19 19.66
CA LEU A 214 -9.96 0.68 18.97
C LEU A 214 -11.14 0.47 19.94
N ARG A 215 -10.83 0.16 21.19
CA ARG A 215 -11.91 0.12 22.18
C ARG A 215 -12.56 1.50 22.35
N TYR A 216 -11.74 2.55 22.49
CA TYR A 216 -12.26 3.92 22.61
C TYR A 216 -13.03 4.34 21.35
N ALA A 217 -12.51 3.91 20.20
CA ALA A 217 -13.14 4.19 18.93
C ALA A 217 -14.55 3.62 18.89
N ARG A 218 -14.72 2.42 19.43
CA ARG A 218 -16.05 1.81 19.55
C ARG A 218 -17.00 2.71 20.34
N THR A 219 -16.51 3.23 21.47
CA THR A 219 -17.32 4.08 22.35
C THR A 219 -17.71 5.34 21.59
N MET A 220 -16.78 5.91 20.84
CA MET A 220 -17.01 7.14 20.11
C MET A 220 -18.02 7.02 18.96
N VAL A 221 -17.98 5.90 18.25
CA VAL A 221 -18.85 5.67 17.11
C VAL A 221 -20.27 5.38 17.61
N ASP A 222 -20.37 4.76 18.77
CA ASP A 222 -21.66 4.59 19.43
C ASP A 222 -22.26 5.96 19.78
N LYS A 223 -21.42 6.86 20.28
CA LYS A 223 -21.87 8.21 20.61
C LYS A 223 -22.37 8.98 19.37
N LEU A 224 -21.64 8.86 18.26
CA LEU A 224 -22.07 9.45 17.00
C LEU A 224 -23.44 8.92 16.59
N LEU A 225 -23.64 7.61 16.76
CA LEU A 225 -24.87 6.96 16.32
C LEU A 225 -26.06 7.34 17.21
N SER A 226 -25.82 7.37 18.52
CA SER A 226 -26.86 7.66 19.50
C SER A 226 -27.36 9.10 19.37
N SER A 227 -26.46 9.98 18.95
CA SER A 227 -26.84 11.35 18.63
C SER A 227 -27.31 11.42 17.18
N LYS B 5 -8.04 27.55 19.87
CA LYS B 5 -8.02 26.10 20.03
C LYS B 5 -7.93 25.40 18.67
N THR B 6 -6.80 24.74 18.42
CA THR B 6 -6.53 24.14 17.13
C THR B 6 -5.89 22.75 17.20
N SER B 7 -5.67 22.16 16.04
CA SER B 7 -4.90 20.93 15.89
C SER B 7 -3.43 21.25 16.11
N TPO B 8 -2.58 20.23 16.01
CA TPO B 8 -1.17 20.33 16.39
CB TPO B 8 -0.49 18.96 16.31
CG2 TPO B 8 0.98 19.07 16.70
OG1 TPO B 8 -1.10 18.10 17.25
P TPO B 8 -1.96 16.92 16.53
O1P TPO B 8 -2.55 16.06 17.76
O2P TPO B 8 -3.20 17.51 15.70
O3P TPO B 8 -1.10 16.08 15.66
C TPO B 8 -0.35 21.37 15.63
O TPO B 8 -0.30 21.37 14.39
N ILE B 9 0.30 22.25 16.39
CA ILE B 9 1.26 23.20 15.85
C ILE B 9 2.56 22.51 15.49
N CYS C 6 23.44 -6.02 -3.05
CA CYS C 6 24.15 -5.88 -4.32
C CYS C 6 23.14 -5.39 -5.36
N HIS C 7 23.42 -4.20 -5.92
CA HIS C 7 22.52 -3.49 -6.84
C HIS C 7 21.23 -3.02 -6.17
N LEU C 8 21.01 -3.45 -4.93
CA LEU C 8 19.80 -3.07 -4.20
C LEU C 8 19.80 -1.58 -3.92
N SER C 9 20.98 -1.03 -3.62
CA SER C 9 21.07 0.37 -3.24
C SER C 9 20.94 1.27 -4.47
N ASP C 10 21.46 0.80 -5.60
CA ASP C 10 21.25 1.47 -6.89
C ASP C 10 19.77 1.50 -7.21
N LEU C 11 19.11 0.37 -7.01
CA LEU C 11 17.67 0.25 -7.26
C LEU C 11 16.87 1.14 -6.30
N LEU C 12 17.31 1.23 -5.05
CA LEU C 12 16.65 2.11 -4.08
C LEU C 12 16.67 3.55 -4.55
N GLN C 13 17.85 4.04 -4.92
CA GLN C 13 18.00 5.39 -5.47
C GLN C 13 17.05 5.65 -6.64
N GLN C 14 17.01 4.71 -7.58
CA GLN C 14 16.12 4.80 -8.74
C GLN C 14 14.66 4.97 -8.32
N LEU C 15 14.19 4.09 -7.42
CA LEU C 15 12.80 4.12 -7.00
C LEU C 15 12.47 5.40 -6.22
N THR C 16 13.36 5.79 -5.30
CA THR C 16 13.12 6.98 -4.50
C THR C 16 13.07 8.22 -5.40
N SER C 17 13.91 8.23 -6.43
CA SER C 17 13.94 9.36 -7.37
CA SER C 17 13.95 9.35 -7.38
C SER C 17 12.65 9.49 -8.16
N VAL C 18 12.16 8.38 -8.71
CA VAL C 18 10.90 8.38 -9.45
C VAL C 18 9.74 8.76 -8.54
N ASN C 19 9.67 8.14 -7.36
CA ASN C 19 8.57 8.39 -6.45
C ASN C 19 8.57 9.83 -5.91
N ALA C 20 9.76 10.38 -5.70
CA ALA C 20 9.92 11.76 -5.23
C ALA C 20 9.26 12.75 -6.19
N SER C 21 9.31 12.43 -7.48
CA SER C 21 8.75 13.29 -8.51
C SER C 21 7.23 13.23 -8.59
N LYS C 22 6.61 12.41 -7.74
CA LYS C 22 5.15 12.22 -7.71
C LYS C 22 4.56 12.09 -9.13
N PRO C 23 4.89 10.99 -9.82
CA PRO C 23 4.63 10.80 -11.24
C PRO C 23 3.15 10.72 -11.61
N SER C 24 2.29 10.41 -10.63
CA SER C 24 0.87 10.28 -10.93
C SER C 24 0.22 11.64 -10.90
N GLU C 25 0.95 12.66 -10.44
CA GLU C 25 0.41 14.01 -10.34
C GLU C 25 1.01 14.94 -11.39
N ARG C 26 0.60 14.79 -12.65
CA ARG C 26 1.08 15.67 -13.70
C ARG C 26 -0.08 16.38 -14.37
N GLY C 27 0.22 17.52 -14.99
CA GLY C 27 -0.76 18.23 -15.80
C GLY C 27 -1.29 17.32 -16.88
N LEU C 28 -0.39 16.58 -17.52
CA LEU C 28 -0.78 15.51 -18.43
C LEU C 28 0.19 14.34 -18.32
N VAL C 29 -0.26 13.27 -17.68
CA VAL C 29 0.54 12.05 -17.58
C VAL C 29 0.66 11.38 -18.96
N ARG C 30 1.90 11.05 -19.35
CA ARG C 30 2.14 10.41 -20.63
C ARG C 30 3.03 9.20 -20.42
N GLN C 31 2.45 8.19 -19.77
CA GLN C 31 3.13 6.94 -19.41
C GLN C 31 3.68 6.21 -20.64
N GLU C 32 2.96 6.33 -21.75
CA GLU C 32 3.33 5.63 -22.97
C GLU C 32 4.71 6.06 -23.48
N GLU C 33 5.10 7.31 -23.19
CA GLU C 33 6.45 7.81 -23.50
C GLU C 33 7.59 7.10 -22.77
N ALA C 34 7.27 6.40 -21.68
CA ALA C 34 8.30 5.70 -20.90
C ALA C 34 8.44 4.24 -21.31
N GLU C 35 7.60 3.79 -22.24
CA GLU C 35 7.63 2.41 -22.69
C GLU C 35 8.92 2.05 -23.45
N ASP C 36 9.59 0.99 -23.01
CA ASP C 36 10.77 0.49 -23.71
C ASP C 36 10.81 -1.04 -23.69
N PRO C 37 10.20 -1.67 -24.70
CA PRO C 37 10.18 -3.14 -24.88
C PRO C 37 11.57 -3.76 -24.97
N ALA C 38 12.58 -2.98 -25.35
CA ALA C 38 13.95 -3.49 -25.41
C ALA C 38 14.50 -3.84 -24.03
N CYS C 39 13.82 -3.38 -22.97
CA CYS C 39 14.30 -3.57 -21.61
C CYS C 39 13.58 -4.66 -20.83
N ILE C 40 12.76 -5.44 -21.52
CA ILE C 40 12.13 -6.63 -20.94
C ILE C 40 13.20 -7.53 -20.31
N PRO C 41 12.96 -8.03 -19.09
CA PRO C 41 14.00 -8.83 -18.43
C PRO C 41 14.33 -10.14 -19.15
N ILE C 42 15.53 -10.64 -18.88
CA ILE C 42 15.95 -11.96 -19.36
C ILE C 42 15.31 -13.03 -18.48
N PHE C 43 15.36 -12.79 -17.17
CA PHE C 43 14.81 -13.74 -16.21
C PHE C 43 13.77 -13.16 -15.29
N TRP C 44 12.76 -13.96 -15.00
CA TRP C 44 11.89 -13.69 -13.87
C TRP C 44 11.31 -15.00 -13.36
N VAL C 45 10.68 -14.94 -12.19
CA VAL C 45 10.07 -16.11 -11.57
C VAL C 45 8.68 -16.36 -12.13
N SER C 46 8.46 -17.54 -12.68
CA SER C 46 7.15 -17.85 -13.27
C SER C 46 6.24 -18.61 -12.31
N LYS C 47 6.83 -19.36 -11.38
CA LYS C 47 6.11 -20.18 -10.41
C LYS C 47 6.90 -20.23 -9.12
N TRP C 48 6.22 -20.41 -7.98
CA TRP C 48 6.93 -20.66 -6.74
C TRP C 48 6.06 -21.46 -5.77
N VAL C 49 6.75 -22.15 -4.86
CA VAL C 49 6.16 -23.00 -3.84
C VAL C 49 6.87 -22.72 -2.52
N ASP C 50 6.12 -22.24 -1.54
CA ASP C 50 6.67 -21.84 -0.24
C ASP C 50 6.59 -22.99 0.76
N TYR C 51 7.65 -23.79 0.80
CA TYR C 51 7.75 -24.90 1.75
C TYR C 51 8.67 -24.48 2.91
N SER C 52 8.68 -23.20 3.27
CA SER C 52 9.69 -22.69 4.18
C SER C 52 9.51 -23.19 5.61
N ASP C 53 8.35 -23.76 5.91
CA ASP C 53 8.12 -24.35 7.24
C ASP C 53 9.04 -25.52 7.51
N LYS C 54 9.63 -26.06 6.45
CA LYS C 54 10.47 -27.23 6.60
C LYS C 54 11.77 -27.19 5.85
N TYR C 55 11.73 -26.81 4.57
CA TYR C 55 12.91 -26.92 3.73
C TYR C 55 13.30 -25.62 3.05
N GLY C 56 12.33 -24.91 2.48
CA GLY C 56 12.65 -23.66 1.82
C GLY C 56 11.68 -23.33 0.72
N LEU C 57 12.15 -22.54 -0.24
CA LEU C 57 11.27 -22.05 -1.29
C LEU C 57 11.76 -22.51 -2.65
N GLY C 58 10.93 -23.28 -3.34
CA GLY C 58 11.22 -23.70 -4.69
C GLY C 58 10.58 -22.77 -5.68
N TYR C 59 11.21 -22.62 -6.84
CA TYR C 59 10.70 -21.72 -7.85
C TYR C 59 11.09 -22.15 -9.23
N GLN C 60 10.43 -21.58 -10.21
CA GLN C 60 10.75 -21.84 -11.59
C GLN C 60 11.00 -20.50 -12.24
N LEU C 61 12.02 -20.45 -13.09
CA LEU C 61 12.28 -19.25 -13.89
C LEU C 61 11.54 -19.37 -15.22
N CYS C 62 11.33 -18.23 -15.89
CA CYS C 62 10.59 -18.19 -17.15
C CYS C 62 11.17 -19.06 -18.26
N ASP C 63 12.47 -19.40 -18.16
CA ASP C 63 13.14 -20.29 -19.12
C ASP C 63 12.96 -21.76 -18.76
N ASN C 64 12.20 -22.00 -17.70
CA ASN C 64 11.81 -23.34 -17.22
C ASN C 64 12.92 -24.03 -16.42
N SER C 65 13.95 -23.29 -16.06
CA SER C 65 14.87 -23.76 -15.02
C SER C 65 14.18 -23.73 -13.65
N VAL C 66 14.71 -24.48 -12.70
CA VAL C 66 14.10 -24.52 -11.38
C VAL C 66 15.20 -24.27 -10.36
N GLY C 67 14.83 -23.71 -9.22
CA GLY C 67 15.78 -23.47 -8.16
C GLY C 67 15.12 -23.67 -6.81
N VAL C 68 15.94 -23.85 -5.78
CA VAL C 68 15.45 -23.88 -4.40
C VAL C 68 16.36 -22.98 -3.60
N LEU C 69 15.77 -22.13 -2.76
CA LEU C 69 16.54 -21.45 -1.73
C LEU C 69 16.17 -22.10 -0.40
N PHE C 70 17.08 -22.91 0.13
CA PHE C 70 16.83 -23.70 1.33
C PHE C 70 16.89 -22.85 2.60
N ASN C 71 16.31 -23.38 3.68
CA ASN C 71 16.22 -22.64 4.95
C ASN C 71 17.56 -22.35 5.61
N ASP C 72 18.61 -23.06 5.21
CA ASP C 72 19.97 -22.73 5.65
C ASP C 72 20.63 -21.71 4.71
N SER C 73 19.82 -21.09 3.86
CA SER C 73 20.27 -20.05 2.93
C SER C 73 21.28 -20.54 1.90
N THR C 74 21.19 -21.80 1.51
CA THR C 74 21.93 -22.27 0.35
C THR C 74 20.97 -22.43 -0.81
N ARG C 75 21.51 -22.48 -2.03
CA ARG C 75 20.68 -22.56 -3.21
C ARG C 75 21.11 -23.71 -4.10
N LEU C 76 20.13 -24.39 -4.69
CA LEU C 76 20.41 -25.35 -5.74
C LEU C 76 19.61 -24.96 -6.97
N ILE C 77 20.27 -24.96 -8.13
CA ILE C 77 19.69 -24.56 -9.41
C ILE C 77 19.79 -25.68 -10.44
N LEU C 78 18.69 -25.99 -11.11
CA LEU C 78 18.71 -26.97 -12.19
C LEU C 78 18.40 -26.26 -13.53
N TYR C 79 19.32 -26.37 -14.48
CA TYR C 79 19.14 -25.71 -15.79
C TYR C 79 18.04 -26.39 -16.59
N ASN C 80 17.56 -25.73 -17.64
CA ASN C 80 16.42 -26.28 -18.37
C ASN C 80 16.80 -27.44 -19.30
N ASP C 81 18.07 -27.84 -19.28
CA ASP C 81 18.51 -29.05 -19.99
C ASP C 81 18.26 -30.29 -19.13
N GLY C 82 17.93 -30.05 -17.86
CA GLY C 82 17.64 -31.12 -16.92
C GLY C 82 18.90 -31.81 -16.45
N ASP C 83 20.05 -31.34 -16.91
CA ASP C 83 21.33 -31.96 -16.60
C ASP C 83 22.16 -31.11 -15.64
N SER C 84 22.40 -29.87 -16.03
CA SER C 84 23.37 -29.03 -15.33
C SER C 84 22.82 -28.51 -13.99
N LEU C 85 23.68 -28.57 -12.98
CA LEU C 85 23.33 -28.12 -11.62
C LEU C 85 24.29 -27.05 -11.17
N GLN C 86 23.78 -26.09 -10.41
CA GLN C 86 24.63 -25.14 -9.71
C GLN C 86 24.28 -25.13 -8.22
N TYR C 87 25.28 -25.35 -7.37
CA TYR C 87 25.07 -25.23 -5.94
C TYR C 87 25.68 -23.93 -5.42
N ILE C 88 24.94 -23.21 -4.58
CA ILE C 88 25.40 -21.94 -4.02
C ILE C 88 25.35 -21.94 -2.50
N GLU C 89 26.50 -21.77 -1.87
CA GLU C 89 26.56 -21.81 -0.41
C GLU C 89 26.04 -20.49 0.17
N ARG C 90 25.90 -20.44 1.50
CA ARG C 90 25.36 -19.25 2.17
C ARG C 90 26.13 -17.99 1.80
N ASP C 91 27.45 -18.10 1.71
CA ASP C 91 28.29 -16.95 1.35
C ASP C 91 28.35 -16.73 -0.15
N GLY C 92 27.56 -17.50 -0.90
CA GLY C 92 27.48 -17.37 -2.35
C GLY C 92 28.59 -18.02 -3.16
N THR C 93 29.26 -19.02 -2.61
CA THR C 93 30.49 -19.54 -3.23
C THR C 93 30.35 -20.03 -4.68
N GLU C 94 29.40 -20.93 -4.94
CA GLU C 94 29.08 -21.47 -6.28
C GLU C 94 29.98 -22.63 -6.75
N SER C 95 29.36 -23.79 -6.94
CA SER C 95 30.00 -24.96 -7.52
C SER C 95 29.14 -25.48 -8.68
N TYR C 96 29.78 -25.80 -9.80
CA TYR C 96 29.03 -26.24 -10.97
C TYR C 96 29.05 -27.76 -11.07
N LEU C 97 27.88 -28.34 -11.31
CA LEU C 97 27.70 -29.79 -11.15
C LEU C 97 26.76 -30.31 -12.23
N THR C 98 26.57 -31.62 -12.27
CA THR C 98 25.53 -32.22 -13.09
C THR C 98 24.70 -33.17 -12.24
N VAL C 99 23.54 -33.59 -12.72
CA VAL C 99 22.70 -34.51 -11.96
C VAL C 99 23.31 -35.93 -11.93
N SER C 100 23.98 -36.29 -13.01
CA SER C 100 24.56 -37.63 -13.15
C SER C 100 25.89 -37.73 -12.43
N SER C 101 26.58 -36.60 -12.31
CA SER C 101 27.81 -36.52 -11.57
C SER C 101 27.70 -35.40 -10.54
N HIS C 102 27.39 -35.77 -9.30
CA HIS C 102 27.22 -34.77 -8.25
C HIS C 102 27.55 -35.35 -6.91
N PRO C 103 28.05 -34.49 -6.00
CA PRO C 103 28.41 -34.86 -4.63
C PRO C 103 27.30 -35.63 -3.93
N ASN C 104 27.62 -36.76 -3.30
CA ASN C 104 26.61 -37.49 -2.56
C ASN C 104 26.04 -36.66 -1.39
N SER C 105 26.81 -35.68 -0.93
CA SER C 105 26.39 -34.81 0.15
C SER C 105 25.15 -34.00 -0.23
N LEU C 106 24.93 -33.83 -1.53
CA LEU C 106 23.78 -33.03 -1.98
C LEU C 106 22.54 -33.90 -2.24
N MET C 107 22.62 -35.19 -1.94
CA MET C 107 21.49 -36.11 -2.17
C MET C 107 20.12 -35.58 -1.71
N LYS C 108 20.03 -35.19 -0.45
CA LYS C 108 18.73 -34.80 0.08
C LYS C 108 18.19 -33.56 -0.61
N LYS C 109 19.06 -32.58 -0.85
CA LYS C 109 18.66 -31.34 -1.49
C LYS C 109 18.25 -31.56 -2.94
N ILE C 110 18.99 -32.40 -3.66
CA ILE C 110 18.63 -32.71 -5.05
C ILE C 110 17.29 -33.46 -5.09
N THR C 111 17.03 -34.26 -4.07
CA THR C 111 15.74 -34.93 -3.93
C THR C 111 14.61 -33.92 -3.73
N LEU C 112 14.88 -32.89 -2.92
CA LEU C 112 13.89 -31.86 -2.65
C LEU C 112 13.64 -31.06 -3.92
N LEU C 113 14.71 -30.63 -4.56
CA LEU C 113 14.63 -29.89 -5.83
C LEU C 113 13.78 -30.64 -6.85
N ASN C 114 14.03 -31.94 -7.00
CA ASN C 114 13.26 -32.78 -7.91
C ASN C 114 11.78 -32.85 -7.52
N TYR C 115 11.51 -32.83 -6.22
CA TYR C 115 10.13 -32.86 -5.77
C TYR C 115 9.42 -31.56 -6.21
N PHE C 116 10.10 -30.43 -5.99
CA PHE C 116 9.60 -29.13 -6.46
C PHE C 116 9.44 -29.10 -7.97
N ARG C 117 10.47 -29.59 -8.67
CA ARG C 117 10.45 -29.61 -10.13
C ARG C 117 9.25 -30.38 -10.65
N ASN C 118 9.00 -31.56 -10.10
CA ASN C 118 7.86 -32.37 -10.55
C ASN C 118 6.52 -31.67 -10.31
N TYR C 119 6.38 -31.04 -9.15
CA TYR C 119 5.13 -30.37 -8.82
C TYR C 119 4.83 -29.21 -9.77
N MET C 120 5.85 -28.41 -10.02
CA MET C 120 5.70 -27.21 -10.84
C MET C 120 5.63 -27.56 -12.31
N SER C 121 6.02 -28.78 -12.63
CA SER C 121 5.94 -29.28 -13.99
C SER C 121 4.48 -29.41 -14.42
N GLU C 122 3.60 -29.70 -13.47
CA GLU C 122 2.19 -29.91 -13.82
C GLU C 122 1.12 -29.22 -12.94
N HIS C 123 1.38 -28.05 -12.34
CA HIS C 123 0.37 -27.51 -11.42
C HIS C 123 -0.01 -26.02 -11.42
N LEU C 124 0.97 -25.13 -11.47
CA LEU C 124 0.68 -23.71 -11.27
C LEU C 124 0.68 -22.96 -12.61
N LEU C 125 0.05 -21.78 -12.64
CA LEU C 125 0.14 -20.90 -13.80
C LEU C 125 1.57 -20.38 -13.97
N LYS C 126 1.98 -20.19 -15.21
CA LYS C 126 3.27 -19.56 -15.48
C LYS C 126 3.12 -18.04 -15.62
N ALA C 127 3.68 -17.28 -14.69
CA ALA C 127 3.69 -15.81 -14.80
C ALA C 127 4.50 -15.38 -16.02
N GLY C 128 3.98 -14.39 -16.75
CA GLY C 128 4.65 -13.88 -17.93
C GLY C 128 4.67 -14.88 -19.08
N ALA C 129 3.66 -15.74 -19.12
CA ALA C 129 3.57 -16.78 -20.14
C ALA C 129 3.49 -16.20 -21.54
N ASN C 130 2.93 -15.00 -21.66
CA ASN C 130 2.76 -14.33 -22.95
C ASN C 130 3.89 -13.35 -23.27
N ILE C 131 4.95 -13.38 -22.46
CA ILE C 131 6.10 -12.51 -22.63
C ILE C 131 7.30 -13.28 -23.17
N THR C 132 7.91 -12.77 -24.25
CA THR C 132 9.19 -13.32 -24.72
C THR C 132 10.33 -12.62 -24.01
N PRO C 133 11.10 -13.38 -23.20
CA PRO C 133 12.22 -12.76 -22.50
C PRO C 133 13.25 -12.20 -23.45
N ARG C 134 14.01 -11.22 -22.97
CA ARG C 134 15.13 -10.70 -23.73
C ARG C 134 16.21 -11.80 -23.82
N GLU C 135 17.04 -11.74 -24.84
CA GLU C 135 18.23 -12.61 -24.88
C GLU C 135 19.36 -11.86 -24.16
N GLY C 136 20.10 -12.55 -23.31
CA GLY C 136 20.02 -13.99 -23.16
C GLY C 136 21.33 -14.47 -23.76
N ASP C 137 22.41 -14.21 -23.04
CA ASP C 137 23.73 -14.34 -23.61
C ASP C 137 24.30 -15.76 -23.53
N GLU C 138 25.15 -16.08 -24.51
CA GLU C 138 25.80 -17.37 -24.63
C GLU C 138 27.16 -17.36 -23.92
N LEU C 139 27.47 -18.33 -23.07
CA LEU C 139 26.57 -19.38 -22.61
C LEU C 139 26.44 -19.15 -21.12
N ALA C 140 25.76 -18.07 -20.75
CA ALA C 140 25.76 -17.55 -19.38
C ALA C 140 25.25 -18.53 -18.32
N ARG C 141 25.70 -18.33 -17.09
CA ARG C 141 25.15 -19.04 -15.95
C ARG C 141 23.81 -18.40 -15.56
N LEU C 142 22.90 -19.18 -14.99
CA LEU C 142 21.65 -18.67 -14.45
C LEU C 142 21.86 -17.90 -13.16
N PRO C 143 20.98 -16.93 -12.87
CA PRO C 143 21.02 -16.32 -11.55
C PRO C 143 20.34 -17.26 -10.56
N TYR C 144 20.44 -16.96 -9.28
CA TYR C 144 19.78 -17.75 -8.26
C TYR C 144 18.99 -16.82 -7.38
N LEU C 145 18.10 -17.39 -6.57
CA LEU C 145 17.33 -16.59 -5.62
C LEU C 145 18.20 -16.24 -4.41
N ARG C 146 18.54 -14.97 -4.28
CA ARG C 146 19.40 -14.51 -3.18
C ARG C 146 18.61 -14.46 -1.87
N THR C 147 17.39 -13.94 -1.96
CA THR C 147 16.54 -13.85 -0.79
C THR C 147 15.09 -13.57 -1.19
N TRP C 148 14.19 -13.81 -0.24
CA TRP C 148 12.77 -13.58 -0.42
C TRP C 148 12.09 -13.37 0.92
N PHE C 149 10.92 -12.74 0.87
CA PHE C 149 10.01 -12.72 1.99
C PHE C 149 8.62 -12.47 1.46
N ARG C 150 7.63 -12.70 2.32
CA ARG C 150 6.26 -12.40 1.94
C ARG C 150 5.56 -11.54 3.00
N THR C 151 4.71 -10.64 2.51
CA THR C 151 3.89 -9.82 3.36
C THR C 151 2.44 -10.19 3.11
N ARG C 152 1.51 -9.53 3.76
CA ARG C 152 0.10 -9.81 3.52
C ARG C 152 -0.25 -9.52 2.05
N SER C 153 0.39 -8.52 1.46
CA SER C 153 -0.03 -8.13 0.13
C SER C 153 0.85 -8.66 -1.01
N ALA C 154 2.01 -9.24 -0.71
CA ALA C 154 2.91 -9.63 -1.79
C ALA C 154 3.99 -10.61 -1.37
N ILE C 155 4.56 -11.26 -2.37
CA ILE C 155 5.80 -12.01 -2.16
C ILE C 155 6.89 -11.23 -2.89
N ILE C 156 8.00 -11.02 -2.20
CA ILE C 156 9.12 -10.25 -2.74
C ILE C 156 10.27 -11.22 -3.02
N LEU C 157 10.80 -11.19 -4.24
CA LEU C 157 11.84 -12.16 -4.67
C LEU C 157 13.06 -11.43 -5.23
N HIS C 158 14.24 -11.74 -4.69
CA HIS C 158 15.46 -11.01 -5.06
C HIS C 158 16.47 -11.94 -5.74
N LEU C 159 16.67 -11.73 -7.04
CA LEU C 159 17.60 -12.56 -7.82
C LEU C 159 19.02 -12.02 -7.71
N SER C 160 19.99 -12.92 -7.80
CA SER C 160 21.39 -12.54 -7.67
C SER C 160 21.90 -11.63 -8.79
N ASN C 161 21.18 -11.55 -9.91
CA ASN C 161 21.52 -10.62 -11.00
C ASN C 161 20.97 -9.19 -10.78
N GLY C 162 20.40 -8.95 -9.61
CA GLY C 162 19.90 -7.63 -9.25
C GLY C 162 18.40 -7.43 -9.37
N THR C 163 17.75 -8.31 -10.11
CA THR C 163 16.31 -8.18 -10.33
C THR C 163 15.51 -8.39 -9.04
N VAL C 164 14.53 -7.52 -8.81
CA VAL C 164 13.61 -7.72 -7.70
C VAL C 164 12.20 -7.84 -8.27
N GLN C 165 11.57 -8.97 -7.96
CA GLN C 165 10.22 -9.25 -8.42
C GLN C 165 9.21 -9.19 -7.26
N ILE C 166 8.08 -8.51 -7.49
CA ILE C 166 7.04 -8.40 -6.46
C ILE C 166 5.71 -8.86 -7.05
N ASN C 167 5.17 -9.95 -6.53
CA ASN C 167 3.87 -10.46 -6.98
C ASN C 167 2.83 -10.14 -5.93
N PHE C 168 1.86 -9.31 -6.30
CA PHE C 168 0.77 -8.94 -5.39
C PHE C 168 -0.33 -10.00 -5.33
N PHE C 169 -0.74 -10.37 -4.12
CA PHE C 169 -1.66 -11.49 -3.92
C PHE C 169 -3.10 -11.23 -4.38
N GLN C 170 -3.67 -10.09 -4.02
CA GLN C 170 -5.11 -9.92 -4.20
C GLN C 170 -5.50 -9.84 -5.68
N ASP C 171 -4.75 -9.09 -6.49
CA ASP C 171 -5.13 -8.85 -7.88
C ASP C 171 -4.22 -9.46 -8.94
N HIS C 172 -3.27 -10.29 -8.49
CA HIS C 172 -2.31 -10.97 -9.36
C HIS C 172 -1.44 -10.05 -10.21
N THR C 173 -1.31 -8.80 -9.80
CA THR C 173 -0.40 -7.90 -10.50
C THR C 173 1.03 -8.13 -10.03
N LYS C 174 1.97 -7.85 -10.93
CA LYS C 174 3.36 -8.14 -10.66
C LYS C 174 4.27 -7.02 -11.17
N LEU C 175 5.32 -6.73 -10.40
CA LEU C 175 6.41 -5.88 -10.86
C LEU C 175 7.68 -6.71 -10.99
N ILE C 176 8.44 -6.44 -12.05
CA ILE C 176 9.80 -6.94 -12.17
C ILE C 176 10.73 -5.74 -12.33
N LEU C 177 11.56 -5.50 -11.32
CA LEU C 177 12.48 -4.37 -11.33
C LEU C 177 13.90 -4.76 -11.65
N CYS C 178 14.50 -4.12 -12.64
CA CYS C 178 15.91 -4.33 -12.90
C CYS C 178 16.69 -3.03 -12.81
N PRO C 179 17.62 -2.96 -11.85
CA PRO C 179 18.45 -1.77 -11.64
C PRO C 179 19.48 -1.59 -12.73
N LEU C 180 19.84 -2.68 -13.42
CA LEU C 180 20.80 -2.63 -14.52
C LEU C 180 20.22 -1.94 -15.75
N MET C 181 18.99 -2.31 -16.11
CA MET C 181 18.25 -1.61 -17.15
C MET C 181 17.60 -0.33 -16.62
N ALA C 182 17.59 -0.18 -15.30
CA ALA C 182 16.84 0.91 -14.63
C ALA C 182 15.41 0.94 -15.17
N ALA C 183 14.76 -0.22 -15.11
CA ALA C 183 13.47 -0.41 -15.76
C ALA C 183 12.53 -1.19 -14.85
N VAL C 184 11.24 -1.07 -15.11
CA VAL C 184 10.24 -1.85 -14.41
C VAL C 184 9.27 -2.43 -15.43
N THR C 185 8.93 -3.69 -15.22
CA THR C 185 7.98 -4.39 -16.05
C THR C 185 6.75 -4.59 -15.22
N TYR C 186 5.62 -4.12 -15.72
CA TYR C 186 4.38 -4.23 -14.96
C TYR C 186 3.41 -5.17 -15.65
N ILE C 187 2.88 -6.10 -14.87
CA ILE C 187 1.89 -7.07 -15.35
C ILE C 187 0.56 -6.82 -14.65
N ASN C 188 -0.45 -6.44 -15.41
CA ASN C 188 -1.75 -6.07 -14.85
C ASN C 188 -2.59 -7.30 -14.50
N GLU C 189 -3.81 -7.08 -14.01
CA GLU C 189 -4.68 -8.18 -13.62
C GLU C 189 -5.12 -8.98 -14.84
N LYS C 190 -5.28 -8.29 -15.97
CA LYS C 190 -5.63 -8.93 -17.23
C LYS C 190 -4.43 -9.58 -17.91
N ARG C 191 -3.27 -9.53 -17.25
CA ARG C 191 -2.04 -10.18 -17.69
C ARG C 191 -1.39 -9.47 -18.87
N ASP C 192 -1.89 -8.28 -19.17
CA ASP C 192 -1.19 -7.35 -20.04
C ASP C 192 0.13 -6.96 -19.38
N PHE C 193 1.14 -6.64 -20.19
CA PHE C 193 2.42 -6.28 -19.63
C PHE C 193 3.06 -5.14 -20.40
N GLN C 194 3.88 -4.37 -19.72
CA GLN C 194 4.64 -3.32 -20.40
C GLN C 194 5.86 -3.03 -19.57
N THR C 195 6.93 -2.62 -20.25
CA THR C 195 8.19 -2.32 -19.61
C THR C 195 8.51 -0.85 -19.75
N TYR C 196 8.91 -0.23 -18.64
CA TYR C 196 9.12 1.20 -18.61
C TYR C 196 10.49 1.55 -18.10
N ARG C 197 11.09 2.57 -18.71
CA ARG C 197 12.33 3.14 -18.16
C ARG C 197 11.96 4.02 -16.98
N LEU C 198 12.57 3.75 -15.85
CA LEU C 198 12.26 4.50 -14.63
C LEU C 198 12.55 6.00 -14.78
N SER C 199 13.63 6.34 -15.47
CA SER C 199 13.97 7.75 -15.64
C SER C 199 12.96 8.46 -16.54
N LEU C 200 12.30 7.71 -17.41
CA LEU C 200 11.26 8.29 -18.26
C LEU C 200 9.92 8.35 -17.54
N LEU C 201 9.70 7.47 -16.56
CA LEU C 201 8.50 7.53 -15.74
C LEU C 201 8.55 8.79 -14.89
N GLU C 202 9.74 9.10 -14.39
CA GLU C 202 9.94 10.34 -13.67
C GLU C 202 9.64 11.53 -14.57
N GLU C 203 10.15 11.47 -15.81
CA GLU C 203 9.92 12.56 -16.77
C GLU C 203 8.45 12.77 -17.16
N TYR C 204 7.78 11.70 -17.56
CA TYR C 204 6.46 11.81 -18.18
C TYR C 204 5.31 11.32 -17.31
N GLY C 205 5.62 10.69 -16.18
CA GLY C 205 4.63 10.27 -15.20
C GLY C 205 4.00 8.92 -15.49
N CYS C 206 3.11 8.48 -14.60
CA CYS C 206 2.39 7.23 -14.83
C CYS C 206 1.09 7.22 -14.06
N CYS C 207 0.22 6.27 -14.40
CA CYS C 207 -1.04 6.07 -13.72
C CYS C 207 -0.87 5.80 -12.22
N LYS C 208 -1.88 6.18 -11.43
CA LYS C 208 -2.03 5.77 -10.02
C LYS C 208 -1.71 4.30 -9.71
N GLU C 209 -2.17 3.39 -10.55
CA GLU C 209 -2.02 1.96 -10.29
C GLU C 209 -0.54 1.55 -10.22
N LEU C 210 0.25 2.07 -11.16
CA LEU C 210 1.68 1.75 -11.21
C LEU C 210 2.43 2.57 -10.18
N ALA C 211 2.03 3.83 -10.02
CA ALA C 211 2.67 4.71 -9.05
C ALA C 211 2.55 4.11 -7.66
N SER C 212 1.35 3.61 -7.34
CA SER C 212 1.06 3.05 -6.02
C SER C 212 1.95 1.85 -5.74
N ARG C 213 2.06 0.99 -6.74
CA ARG C 213 2.89 -0.23 -6.63
C ARG C 213 4.38 0.09 -6.57
N LEU C 214 4.81 1.15 -7.24
CA LEU C 214 6.19 1.61 -7.13
C LEU C 214 6.50 2.18 -5.74
N ARG C 215 5.53 2.83 -5.11
CA ARG C 215 5.72 3.23 -3.71
C ARG C 215 5.93 2.02 -2.79
N TYR C 216 5.09 1.01 -2.96
CA TYR C 216 5.25 -0.22 -2.20
C TYR C 216 6.59 -0.90 -2.50
N ALA C 217 7.00 -0.88 -3.77
CA ALA C 217 8.28 -1.46 -4.17
C ALA C 217 9.46 -0.79 -3.47
N ARG C 218 9.39 0.53 -3.34
CA ARG C 218 10.41 1.31 -2.66
C ARG C 218 10.53 0.82 -1.23
N THR C 219 9.37 0.61 -0.61
CA THR C 219 9.31 0.12 0.77
C THR C 219 9.93 -1.27 0.88
N MET C 220 9.65 -2.13 -0.11
CA MET C 220 10.16 -3.50 -0.07
C MET C 220 11.66 -3.58 -0.30
N VAL C 221 12.19 -2.70 -1.14
CA VAL C 221 13.61 -2.73 -1.44
C VAL C 221 14.36 -2.22 -0.21
N ASP C 222 13.80 -1.21 0.42
CA ASP C 222 14.29 -0.71 1.70
C ASP C 222 14.46 -1.85 2.71
N LYS C 223 13.40 -2.62 2.93
CA LYS C 223 13.43 -3.79 3.80
C LYS C 223 14.49 -4.81 3.41
N LEU C 224 14.63 -5.05 2.11
CA LEU C 224 15.67 -5.93 1.58
C LEU C 224 17.06 -5.44 1.99
N LEU C 225 17.26 -4.13 1.94
CA LEU C 225 18.55 -3.55 2.27
C LEU C 225 18.80 -3.50 3.78
N SER C 226 17.74 -3.34 4.56
CA SER C 226 17.88 -3.18 6.00
C SER C 226 18.04 -4.53 6.70
N SER C 227 18.02 -5.61 5.92
CA SER C 227 18.17 -6.95 6.46
C SER C 227 19.64 -7.34 6.54
N PHE D 1 0.19 -28.96 -2.55
CA PHE D 1 0.42 -27.79 -1.71
C PHE D 1 -0.79 -26.86 -1.71
N SER D 2 -1.15 -26.34 -0.54
CA SER D 2 -2.31 -25.47 -0.40
C SER D 2 -2.07 -24.15 -1.10
N GLN D 3 -3.14 -23.43 -1.45
CA GLN D 3 -3.00 -22.19 -2.22
C GLN D 3 -2.19 -21.13 -1.46
N HIS D 4 -2.22 -21.18 -0.14
CA HIS D 4 -1.43 -20.22 0.62
C HIS D 4 0.07 -20.46 0.42
N LYS D 5 0.44 -21.70 0.11
CA LYS D 5 1.83 -22.07 0.00
C LYS D 5 2.39 -21.98 -1.43
N THR D 6 1.60 -21.48 -2.39
CA THR D 6 2.06 -21.45 -3.79
C THR D 6 1.69 -20.19 -4.53
N SER D 7 2.30 -20.00 -5.69
CA SER D 7 1.85 -18.98 -6.63
C SER D 7 0.51 -19.40 -7.23
N TPO D 8 -0.05 -18.55 -8.08
CA TPO D 8 -1.38 -18.75 -8.65
CB TPO D 8 -1.68 -17.57 -9.60
CG2 TPO D 8 -3.02 -17.79 -10.30
OG1 TPO D 8 -1.70 -16.36 -8.84
P TPO D 8 -0.43 -15.42 -9.22
O1P TPO D 8 -0.49 -14.13 -8.27
O2P TPO D 8 0.99 -16.15 -8.99
O3P TPO D 8 -0.50 -15.01 -10.66
C TPO D 8 -1.57 -20.08 -9.37
O TPO D 8 -0.77 -20.45 -10.23
N ILE D 9 -2.64 -20.81 -9.04
CA ILE D 9 -2.81 -22.13 -9.64
C ILE D 9 -3.36 -22.08 -11.07
#